data_9KYT
#
_entry.id   9KYT
#
_cell.length_a   58.848
_cell.length_b   42.251
_cell.length_c   75.492
_cell.angle_alpha   90.00
_cell.angle_beta   97.18
_cell.angle_gamma   90.00
#
_symmetry.space_group_name_H-M   'P 1 21 1'
#
loop_
_entity.id
_entity.type
_entity.pdbx_description
1 polymer 'tRNA-uridine aminocarboxypropyltransferase'
2 non-polymer S-ADENOSYLMETHIONINE
3 non-polymer 'ZINC ION'
4 non-polymer 'SULFATE ION'
5 water water
#
_entity_poly.entity_id   1
_entity_poly.type   'polypeptide(L)'
_entity_poly.pdbx_seq_one_letter_code
;RRCQRCLLPEKLCLCSTITPAQAKSRFCLLMFDTEPMKPSNTGRLIADILPDTVAFQWSRTEPSQDLLDLVQNPYYQPMV
VFPASYADEQREVIFTPPAGKPPLFIMLDGTWPEARKMFRKSPYLDNLPVISVDLSRLSAYRLREAQAEGQYCTAEVAIA
LLDMAGDTGAAAGLGEHFTRFKTRYLAGKTQ
;
_entity_poly.pdbx_strand_id   A,B
#
# COMPACT_ATOMS: atom_id res chain seq x y z
N ARG A 1 -43.13 17.23 -1.04
CA ARG A 1 -43.60 17.05 0.34
C ARG A 1 -42.39 16.83 1.25
N ARG A 2 -41.26 16.46 0.64
CA ARG A 2 -39.99 16.32 1.35
C ARG A 2 -39.07 17.48 0.97
N CYS A 3 -38.43 18.07 1.97
CA CYS A 3 -37.40 19.06 1.71
C CYS A 3 -36.19 18.41 1.04
N GLN A 4 -35.56 19.11 0.11
CA GLN A 4 -34.50 18.48 -0.65
C GLN A 4 -33.15 18.54 0.04
N ARG A 5 -32.99 19.42 1.01
CA ARG A 5 -31.70 19.54 1.68
C ARG A 5 -31.59 18.59 2.86
N CYS A 6 -32.63 18.46 3.67
CA CYS A 6 -32.54 17.58 4.83
C CYS A 6 -33.31 16.28 4.68
N LEU A 7 -34.12 16.15 3.62
CA LEU A 7 -34.80 14.91 3.22
C LEU A 7 -35.93 14.49 4.15
N LEU A 8 -36.36 15.34 5.05
CA LEU A 8 -37.52 15.02 5.86
C LEU A 8 -38.77 15.59 5.22
N PRO A 9 -39.93 14.99 5.51
CA PRO A 9 -41.21 15.66 5.18
C PRO A 9 -41.16 17.16 5.46
N GLU A 10 -41.66 17.96 4.51
CA GLU A 10 -41.39 19.40 4.51
C GLU A 10 -41.81 20.05 5.82
N LYS A 11 -42.82 19.50 6.50
CA LYS A 11 -43.27 20.11 7.75
C LYS A 11 -42.30 19.86 8.89
N LEU A 12 -41.43 18.87 8.78
CA LEU A 12 -40.43 18.57 9.80
C LEU A 12 -39.05 19.09 9.44
N CYS A 13 -38.95 19.94 8.41
CA CYS A 13 -37.66 20.43 7.92
C CYS A 13 -36.84 21.01 9.06
N LEU A 14 -35.59 20.54 9.17
CA LEU A 14 -34.71 20.98 10.24
C LEU A 14 -33.62 21.93 9.75
N CYS A 15 -33.63 22.32 8.47
CA CYS A 15 -32.53 23.09 7.91
C CYS A 15 -32.21 24.33 8.73
N SER A 16 -33.26 25.05 9.18
CA SER A 16 -33.05 26.27 9.95
C SER A 16 -32.32 26.03 11.28
N THR A 17 -32.31 24.80 11.80
CA THR A 17 -31.64 24.52 13.08
C THR A 17 -30.16 24.24 12.96
N ILE A 18 -29.61 24.11 11.74
CA ILE A 18 -28.25 23.60 11.57
C ILE A 18 -27.25 24.69 11.91
N THR A 19 -26.33 24.38 12.83
CA THR A 19 -25.27 25.32 13.18
C THR A 19 -23.95 24.59 13.01
N PRO A 20 -23.15 24.93 12.01
CA PRO A 20 -21.89 24.22 11.80
C PRO A 20 -20.91 24.43 12.95
N ALA A 21 -19.94 23.53 13.02
CA ALA A 21 -18.96 23.51 14.09
C ALA A 21 -17.59 23.46 13.46
N GLN A 22 -16.56 23.55 14.30
CA GLN A 22 -15.20 23.44 13.81
C GLN A 22 -14.47 22.31 14.53
N ALA A 23 -13.54 21.69 13.81
CA ALA A 23 -12.87 20.51 14.31
C ALA A 23 -11.52 20.42 13.60
N LYS A 24 -10.54 19.92 14.34
CA LYS A 24 -9.25 19.60 13.75
C LYS A 24 -9.35 18.38 12.83
N SER A 25 -10.28 17.46 13.13
CA SER A 25 -10.47 16.27 12.32
C SER A 25 -11.16 16.59 11.01
N ARG A 26 -10.94 15.73 10.02
CA ARG A 26 -11.64 15.83 8.75
C ARG A 26 -12.15 14.46 8.32
N PHE A 27 -13.35 14.42 7.75
CA PHE A 27 -13.95 13.18 7.28
C PHE A 27 -13.95 13.11 5.76
N CYS A 28 -13.79 11.89 5.27
CA CYS A 28 -13.91 11.56 3.85
C CYS A 28 -14.91 10.43 3.75
N LEU A 29 -16.02 10.65 3.05
CA LEU A 29 -17.04 9.64 2.88
C LEU A 29 -16.82 8.93 1.55
N LEU A 30 -16.47 7.65 1.61
CA LEU A 30 -16.29 6.85 0.40
C LEU A 30 -17.59 6.10 0.14
N MET A 31 -18.34 6.56 -0.86
CA MET A 31 -19.73 6.13 -1.05
C MET A 31 -19.81 5.03 -2.11
N PHE A 32 -20.51 3.95 -1.79
CA PHE A 32 -20.64 2.86 -2.74
C PHE A 32 -21.48 3.27 -3.95
N ASP A 33 -22.59 3.95 -3.73
CA ASP A 33 -23.53 4.19 -4.84
C ASP A 33 -23.61 5.64 -5.28
N THR A 34 -23.58 6.61 -4.35
CA THR A 34 -23.88 8.01 -4.60
C THR A 34 -25.22 8.19 -5.32
N GLU A 35 -26.04 7.13 -5.38
CA GLU A 35 -27.41 7.24 -5.86
C GLU A 35 -28.15 8.31 -5.06
N PRO A 36 -29.27 8.82 -5.59
CA PRO A 36 -30.04 9.83 -4.85
C PRO A 36 -30.15 9.52 -3.37
N MET A 37 -29.52 10.37 -2.55
CA MET A 37 -29.33 10.12 -1.12
C MET A 37 -30.60 9.65 -0.43
N LYS A 38 -30.50 8.50 0.22
CA LYS A 38 -31.61 7.98 1.02
C LYS A 38 -31.71 8.76 2.33
N PRO A 39 -32.92 9.04 2.82
CA PRO A 39 -33.03 9.79 4.07
C PRO A 39 -32.37 9.10 5.25
N SER A 40 -32.50 7.78 5.36
CA SER A 40 -31.93 7.04 6.48
C SER A 40 -30.39 6.99 6.48
N ASN A 41 -29.71 7.54 5.46
CA ASN A 41 -28.26 7.55 5.38
C ASN A 41 -27.70 8.60 6.33
N THR A 42 -27.03 8.18 7.41
CA THR A 42 -26.57 9.15 8.40
C THR A 42 -25.24 9.80 8.03
N GLY A 43 -24.49 9.23 7.08
CA GLY A 43 -23.24 9.84 6.70
C GLY A 43 -23.37 11.30 6.31
N ARG A 44 -24.46 11.65 5.65
CA ARG A 44 -24.69 13.04 5.24
C ARG A 44 -24.88 13.99 6.41
N LEU A 45 -25.25 13.49 7.59
CA LEU A 45 -25.37 14.40 8.74
C LEU A 45 -24.03 15.00 9.09
N ILE A 46 -22.93 14.27 8.83
CA ILE A 46 -21.60 14.75 9.19
C ILE A 46 -21.30 16.06 8.45
N ALA A 47 -21.60 16.11 7.15
CA ALA A 47 -21.28 17.30 6.37
C ALA A 47 -22.12 18.51 6.78
N ASP A 48 -23.27 18.29 7.40
CA ASP A 48 -24.06 19.43 7.87
C ASP A 48 -23.35 20.15 8.99
N ILE A 49 -22.74 19.39 9.90
CA ILE A 49 -22.04 19.98 11.04
C ILE A 49 -20.61 20.35 10.68
N LEU A 50 -19.96 19.61 9.78
CA LEU A 50 -18.59 19.87 9.38
C LEU A 50 -18.57 20.05 7.86
N PRO A 51 -18.84 21.26 7.36
CA PRO A 51 -18.99 21.44 5.90
C PRO A 51 -17.72 21.21 5.09
N ASP A 52 -16.57 20.98 5.71
CA ASP A 52 -15.38 20.67 4.93
C ASP A 52 -15.24 19.17 4.68
N THR A 53 -16.25 18.39 5.07
CA THR A 53 -16.28 16.97 4.76
C THR A 53 -16.29 16.76 3.24
N VAL A 54 -15.53 15.77 2.76
CA VAL A 54 -15.53 15.43 1.33
C VAL A 54 -16.16 14.05 1.15
N ALA A 55 -16.73 13.83 -0.04
CA ALA A 55 -17.37 12.55 -0.33
C ALA A 55 -17.04 12.15 -1.76
N PHE A 56 -16.74 10.88 -1.94
CA PHE A 56 -16.38 10.36 -3.25
C PHE A 56 -17.17 9.11 -3.57
N GLN A 57 -17.63 9.03 -4.81
CA GLN A 57 -18.19 7.82 -5.37
C GLN A 57 -17.10 6.75 -5.47
N TRP A 58 -17.34 5.58 -4.87
CA TRP A 58 -16.34 4.52 -4.92
C TRP A 58 -16.37 3.85 -6.28
N SER A 59 -15.21 3.35 -6.70
CA SER A 59 -15.09 2.71 -8.00
C SER A 59 -14.01 1.64 -7.93
N ARG A 60 -14.36 0.43 -8.39
CA ARG A 60 -13.51 -0.74 -8.23
C ARG A 60 -12.25 -0.65 -9.09
N THR A 61 -12.32 -0.03 -10.26
CA THR A 61 -11.18 0.02 -11.17
C THR A 61 -10.56 1.40 -11.34
N GLU A 62 -11.37 2.45 -11.45
CA GLU A 62 -10.90 3.79 -11.81
C GLU A 62 -11.16 4.76 -10.66
N PRO A 63 -10.31 4.76 -9.63
CA PRO A 63 -10.51 5.69 -8.52
C PRO A 63 -10.24 7.13 -8.95
N SER A 64 -11.11 8.04 -8.51
CA SER A 64 -11.00 9.46 -8.83
C SER A 64 -9.65 10.01 -8.38
N GLN A 65 -9.05 10.87 -9.21
CA GLN A 65 -7.73 11.39 -8.86
C GLN A 65 -7.79 12.40 -7.73
N ASP A 66 -8.93 13.08 -7.55
CA ASP A 66 -9.11 13.91 -6.35
C ASP A 66 -8.99 13.06 -5.09
N LEU A 67 -9.61 11.88 -5.10
CA LEU A 67 -9.55 10.98 -3.94
C LEU A 67 -8.12 10.53 -3.68
N LEU A 68 -7.45 10.04 -4.72
CA LEU A 68 -6.04 9.65 -4.60
C LEU A 68 -5.18 10.80 -4.08
N ASP A 69 -5.43 12.03 -4.56
CA ASP A 69 -4.63 13.15 -4.09
C ASP A 69 -4.85 13.41 -2.62
N LEU A 70 -6.10 13.24 -2.15
CA LEU A 70 -6.41 13.49 -0.74
C LEU A 70 -5.77 12.44 0.17
N VAL A 71 -6.01 11.15 -0.11
CA VAL A 71 -5.48 10.11 0.77
C VAL A 71 -3.96 10.05 0.72
N GLN A 72 -3.35 10.67 -0.29
CA GLN A 72 -1.90 10.72 -0.36
C GLN A 72 -1.34 12.05 0.10
N ASN A 73 -2.17 12.98 0.55
CA ASN A 73 -1.69 14.30 0.96
C ASN A 73 -1.01 14.17 2.32
N PRO A 74 0.33 14.29 2.38
CA PRO A 74 1.03 14.08 3.65
C PRO A 74 0.73 15.13 4.71
N TYR A 75 -0.13 16.12 4.41
CA TYR A 75 -0.63 17.01 5.45
C TYR A 75 -1.48 16.26 6.45
N TYR A 76 -2.24 15.27 6.00
CA TYR A 76 -3.08 14.49 6.90
C TYR A 76 -2.39 13.21 7.33
N GLN A 77 -2.87 12.66 8.46
CA GLN A 77 -2.70 11.27 8.81
C GLN A 77 -3.99 10.52 8.48
N PRO A 78 -4.08 9.80 7.37
CA PRO A 78 -5.34 9.17 7.02
C PRO A 78 -5.49 7.82 7.70
N MET A 79 -6.73 7.46 7.99
CA MET A 79 -6.99 6.14 8.53
C MET A 79 -8.33 5.66 8.02
N VAL A 80 -8.45 4.34 7.94
CA VAL A 80 -9.64 3.66 7.47
C VAL A 80 -10.48 3.28 8.68
N VAL A 81 -11.73 3.75 8.73
CA VAL A 81 -12.61 3.47 9.85
C VAL A 81 -13.42 2.22 9.51
N PHE A 82 -13.07 1.11 10.14
CA PHE A 82 -13.75 -0.16 9.89
C PHE A 82 -13.45 -1.07 11.08
N PRO A 83 -14.34 -2.01 11.40
CA PRO A 83 -14.09 -2.89 12.55
C PRO A 83 -12.80 -3.68 12.40
N ALA A 84 -12.03 -3.74 13.49
CA ALA A 84 -10.73 -4.41 13.45
C ALA A 84 -10.85 -5.92 13.21
N SER A 85 -12.03 -6.52 13.38
CA SER A 85 -12.18 -7.94 13.09
C SER A 85 -12.03 -8.25 11.60
N TYR A 86 -12.10 -7.24 10.73
CA TYR A 86 -11.93 -7.47 9.29
C TYR A 86 -10.49 -7.42 8.85
N ALA A 87 -9.60 -6.79 9.62
CA ALA A 87 -8.24 -6.58 9.17
C ALA A 87 -7.42 -7.87 9.25
N ASP A 88 -6.55 -8.04 8.26
CA ASP A 88 -5.62 -9.16 8.22
C ASP A 88 -4.51 -8.99 9.25
N GLU A 89 -3.81 -10.11 9.52
CA GLU A 89 -2.83 -10.16 10.59
C GLU A 89 -1.72 -9.11 10.42
N GLN A 90 -1.36 -8.80 9.19
CA GLN A 90 -0.29 -7.84 8.95
C GLN A 90 -0.78 -6.40 8.95
N ARG A 91 -2.08 -6.17 9.04
CA ARG A 91 -2.63 -4.81 8.94
C ARG A 91 -2.43 -4.06 10.25
N GLU A 92 -1.89 -2.86 10.16
CA GLU A 92 -1.74 -2.01 11.33
C GLU A 92 -3.11 -1.51 11.81
N VAL A 93 -3.43 -1.80 13.08
CA VAL A 93 -4.67 -1.40 13.72
C VAL A 93 -4.29 -0.48 14.89
N ILE A 94 -4.94 0.67 14.98
CA ILE A 94 -4.71 1.59 16.08
C ILE A 94 -6.04 1.86 16.78
N PHE A 95 -5.94 2.39 17.99
CA PHE A 95 -7.11 2.58 18.83
C PHE A 95 -7.32 4.03 19.21
N THR A 96 -6.48 4.93 18.72
CA THR A 96 -6.52 6.35 19.01
C THR A 96 -6.09 7.08 17.75
N PRO A 97 -6.61 8.27 17.47
CA PRO A 97 -6.00 9.09 16.42
C PRO A 97 -4.58 9.42 16.83
N PRO A 98 -3.60 9.24 15.93
CA PRO A 98 -2.21 9.49 16.31
C PRO A 98 -1.97 10.97 16.57
N ALA A 99 -0.83 11.24 17.17
CA ALA A 99 -0.49 12.59 17.58
C ALA A 99 0.13 13.35 16.41
N GLY A 100 -0.13 14.66 16.38
CA GLY A 100 0.64 15.53 15.52
C GLY A 100 -0.08 16.01 14.26
N LYS A 101 -0.29 15.12 13.35
CA LYS A 101 -0.93 15.58 12.11
C LYS A 101 -2.45 15.44 12.21
N PRO A 102 -3.20 16.34 11.59
CA PRO A 102 -4.66 16.26 11.66
C PRO A 102 -5.17 14.98 11.03
N PRO A 103 -6.09 14.29 11.71
CA PRO A 103 -6.62 13.03 11.15
C PRO A 103 -7.55 13.25 9.97
N LEU A 104 -7.46 12.35 8.99
CA LEU A 104 -8.44 12.24 7.92
C LEU A 104 -9.11 10.88 8.08
N PHE A 105 -10.35 10.88 8.55
CA PHE A 105 -11.10 9.66 8.81
C PHE A 105 -11.85 9.22 7.55
N ILE A 106 -11.45 8.07 6.99
CA ILE A 106 -12.05 7.56 5.76
C ILE A 106 -13.16 6.57 6.14
N MET A 107 -14.42 7.01 5.96
CA MET A 107 -15.60 6.21 6.29
C MET A 107 -16.10 5.47 5.04
N LEU A 108 -16.38 4.19 5.22
CA LEU A 108 -16.86 3.32 4.14
C LEU A 108 -18.38 3.32 4.20
N ASP A 109 -18.99 4.03 3.27
CA ASP A 109 -20.38 4.42 3.36
C ASP A 109 -21.21 3.50 2.47
N GLY A 110 -21.96 2.60 3.08
CA GLY A 110 -22.82 1.71 2.33
C GLY A 110 -23.46 0.74 3.29
N THR A 111 -24.08 -0.30 2.72
CA THR A 111 -24.44 -1.45 3.52
C THR A 111 -23.18 -2.18 3.98
N TRP A 112 -23.36 -3.08 4.94
CA TRP A 112 -22.22 -3.87 5.40
C TRP A 112 -21.59 -4.69 4.28
N PRO A 113 -22.34 -5.43 3.45
CA PRO A 113 -21.66 -6.13 2.33
C PRO A 113 -20.96 -5.18 1.38
N GLU A 114 -21.56 -4.02 1.10
CA GLU A 114 -20.90 -3.03 0.25
C GLU A 114 -19.64 -2.46 0.92
N ALA A 115 -19.70 -2.14 2.21
CA ALA A 115 -18.53 -1.59 2.90
C ALA A 115 -17.43 -2.63 3.04
N ARG A 116 -17.79 -3.89 3.30
CA ARG A 116 -16.80 -4.96 3.29
C ARG A 116 -16.09 -5.03 1.95
N LYS A 117 -16.85 -5.06 0.85
CA LYS A 117 -16.24 -5.09 -0.47
C LYS A 117 -15.33 -3.90 -0.69
N MET A 118 -15.78 -2.70 -0.29
CA MET A 118 -14.91 -1.54 -0.39
C MET A 118 -13.63 -1.74 0.41
N PHE A 119 -13.75 -2.34 1.59
CA PHE A 119 -12.57 -2.53 2.44
C PHE A 119 -11.56 -3.47 1.78
N ARG A 120 -12.03 -4.53 1.12
CA ARG A 120 -11.12 -5.53 0.57
C ARG A 120 -10.59 -5.16 -0.82
N LYS A 121 -11.27 -4.32 -1.59
CA LYS A 121 -10.93 -4.13 -3.00
C LYS A 121 -10.54 -2.68 -3.34
N SER A 122 -9.88 -1.98 -2.41
CA SER A 122 -9.43 -0.62 -2.64
C SER A 122 -7.95 -0.57 -2.34
N PRO A 123 -7.10 -0.82 -3.33
CA PRO A 123 -5.64 -0.90 -3.06
C PRO A 123 -5.04 0.39 -2.51
N TYR A 124 -5.61 1.55 -2.83
CA TYR A 124 -5.12 2.82 -2.30
C TYR A 124 -5.39 2.98 -0.80
N LEU A 125 -6.21 2.14 -0.20
CA LEU A 125 -6.40 2.17 1.25
C LEU A 125 -5.56 1.12 1.98
N ASP A 126 -4.86 0.24 1.25
CA ASP A 126 -4.34 -0.99 1.85
C ASP A 126 -3.17 -0.74 2.80
N ASN A 127 -2.37 0.29 2.58
CA ASN A 127 -1.28 0.58 3.51
C ASN A 127 -1.65 1.66 4.54
N LEU A 128 -2.98 1.97 4.72
CA LEU A 128 -3.39 2.92 5.73
C LEU A 128 -3.73 2.18 7.02
N PRO A 129 -3.55 2.82 8.17
CA PRO A 129 -3.97 2.20 9.43
C PRO A 129 -5.49 2.12 9.53
N VAL A 130 -5.97 1.06 10.14
CA VAL A 130 -7.35 0.91 10.56
C VAL A 130 -7.46 1.47 11.97
N ILE A 131 -8.45 2.33 12.21
CA ILE A 131 -8.74 2.80 13.55
C ILE A 131 -9.94 2.03 14.07
N SER A 132 -9.73 1.30 15.16
CA SER A 132 -10.81 0.66 15.89
C SER A 132 -11.44 1.70 16.82
N VAL A 133 -12.75 1.82 16.76
CA VAL A 133 -13.46 2.95 17.37
C VAL A 133 -13.90 2.62 18.78
N ASP A 134 -13.74 3.59 19.68
CA ASP A 134 -14.11 3.45 21.10
C ASP A 134 -15.52 4.01 21.31
N LEU A 135 -16.50 3.16 21.01
CA LEU A 135 -17.92 3.52 21.07
C LEU A 135 -18.42 3.82 22.49
N SER A 136 -17.68 3.45 23.53
CA SER A 136 -18.13 3.80 24.88
C SER A 136 -18.21 5.30 25.09
N ARG A 137 -17.50 6.09 24.27
CA ARG A 137 -17.52 7.54 24.43
C ARG A 137 -18.87 8.17 24.10
N LEU A 138 -19.78 7.44 23.46
CA LEU A 138 -21.08 8.02 23.15
C LEU A 138 -21.85 8.40 24.41
N SER A 139 -21.52 7.77 25.55
CA SER A 139 -22.25 8.04 26.80
C SER A 139 -22.11 9.50 27.22
N ALA A 140 -20.93 10.10 27.01
CA ALA A 140 -20.73 11.50 27.37
C ALA A 140 -21.64 12.46 26.59
N TYR A 141 -22.21 12.01 25.47
CA TYR A 141 -23.18 12.80 24.71
C TYR A 141 -24.58 12.22 24.83
N ARG A 142 -24.79 11.33 25.80
CA ARG A 142 -26.10 10.75 26.09
C ARG A 142 -26.67 10.01 24.87
N LEU A 143 -25.82 9.22 24.23
CA LEU A 143 -26.23 8.31 23.18
C LEU A 143 -25.86 6.89 23.60
N ARG A 144 -26.53 5.90 23.02
CA ARG A 144 -26.41 4.51 23.48
C ARG A 144 -25.07 3.92 23.03
N GLU A 145 -24.20 3.60 24.00
CA GLU A 145 -22.91 2.99 23.71
C GLU A 145 -23.06 1.50 23.40
N GLN A 151 -24.82 -2.47 13.52
CA GLN A 151 -24.01 -1.97 14.62
C GLN A 151 -24.35 -0.51 14.93
N TYR A 152 -23.35 0.35 14.76
CA TYR A 152 -23.50 1.79 14.92
C TYR A 152 -23.50 2.44 13.55
N CYS A 153 -24.33 3.46 13.37
CA CYS A 153 -24.39 4.09 12.06
C CYS A 153 -23.19 5.01 11.87
N THR A 154 -23.11 5.60 10.67
CA THR A 154 -21.92 6.33 10.32
C THR A 154 -21.77 7.60 11.15
N ALA A 155 -22.89 8.24 11.49
CA ALA A 155 -22.83 9.47 12.28
C ALA A 155 -22.47 9.19 13.74
N GLU A 156 -22.87 8.04 14.27
CA GLU A 156 -22.51 7.70 15.66
C GLU A 156 -21.03 7.39 15.79
N VAL A 157 -20.46 6.65 14.83
CA VAL A 157 -19.04 6.42 14.82
C VAL A 157 -18.27 7.74 14.76
N ALA A 158 -18.76 8.69 13.93
CA ALA A 158 -18.07 9.98 13.76
C ALA A 158 -18.04 10.76 15.05
N ILE A 159 -19.14 10.72 15.80
CA ILE A 159 -19.18 11.36 17.10
C ILE A 159 -18.09 10.79 18.00
N ALA A 160 -18.00 9.46 18.07
CA ALA A 160 -16.96 8.86 18.89
C ALA A 160 -15.58 9.26 18.41
N LEU A 161 -15.38 9.30 17.08
CA LEU A 161 -14.09 9.72 16.54
C LEU A 161 -13.77 11.15 16.89
N LEU A 162 -14.74 12.06 16.72
CA LEU A 162 -14.50 13.46 17.08
C LEU A 162 -14.15 13.59 18.56
N ASP A 163 -14.87 12.86 19.41
CA ASP A 163 -14.51 12.89 20.83
C ASP A 163 -13.12 12.32 21.07
N MET A 164 -12.76 11.23 20.36
CA MET A 164 -11.43 10.62 20.52
C MET A 164 -10.32 11.60 20.14
N ALA A 165 -10.60 12.54 19.25
CA ALA A 165 -9.58 13.47 18.77
C ALA A 165 -9.54 14.78 19.56
N GLY A 166 -10.36 14.93 20.60
CA GLY A 166 -10.40 16.18 21.32
C GLY A 166 -11.38 17.19 20.78
N ASP A 167 -12.18 16.84 19.77
CA ASP A 167 -13.09 17.79 19.11
C ASP A 167 -14.48 17.74 19.77
N THR A 168 -14.54 18.25 21.00
CA THR A 168 -15.75 18.00 21.78
C THR A 168 -16.88 18.93 21.38
N GLY A 169 -16.56 20.17 20.97
CA GLY A 169 -17.59 21.02 20.42
C GLY A 169 -18.28 20.40 19.23
N ALA A 170 -17.49 19.87 18.29
CA ALA A 170 -18.08 19.28 17.10
C ALA A 170 -18.79 17.98 17.44
N ALA A 171 -18.23 17.17 18.37
CA ALA A 171 -18.90 15.94 18.76
C ALA A 171 -20.28 16.22 19.35
N ALA A 172 -20.36 17.16 20.29
CA ALA A 172 -21.66 17.51 20.86
C ALA A 172 -22.59 18.09 19.80
N GLY A 173 -22.06 18.94 18.92
CA GLY A 173 -22.89 19.49 17.84
C GLY A 173 -23.51 18.42 16.97
N LEU A 174 -22.69 17.46 16.53
CA LEU A 174 -23.22 16.38 15.68
C LEU A 174 -24.14 15.45 16.45
N GLY A 175 -23.89 15.23 17.73
CA GLY A 175 -24.82 14.44 18.52
C GLY A 175 -26.20 15.08 18.59
N GLU A 176 -26.26 16.40 18.85
CA GLU A 176 -27.56 17.07 18.89
C GLU A 176 -28.22 17.04 17.51
N HIS A 177 -27.43 17.22 16.45
CA HIS A 177 -27.99 17.19 15.09
C HIS A 177 -28.51 15.81 14.76
N PHE A 178 -27.76 14.78 15.17
CA PHE A 178 -28.15 13.40 14.89
C PHE A 178 -29.44 13.04 15.62
N THR A 179 -29.48 13.35 16.91
CA THR A 179 -30.70 13.12 17.68
C THR A 179 -31.87 13.87 17.06
N ARG A 180 -31.65 15.12 16.67
CA ARG A 180 -32.73 15.89 16.08
C ARG A 180 -33.25 15.23 14.81
N PHE A 181 -32.35 14.70 13.97
CA PHE A 181 -32.78 14.04 12.74
C PHE A 181 -33.57 12.77 13.02
N LYS A 182 -33.03 11.90 13.89
CA LYS A 182 -33.66 10.62 14.17
C LYS A 182 -35.04 10.80 14.78
N THR A 183 -35.18 11.77 15.69
CA THR A 183 -36.51 12.08 16.23
C THR A 183 -37.49 12.47 15.11
N ARG A 184 -37.09 13.42 14.27
CA ARG A 184 -38.01 13.90 13.24
C ARG A 184 -38.27 12.82 12.19
N TYR A 185 -37.26 12.01 11.90
CA TYR A 185 -37.45 10.90 10.98
C TYR A 185 -38.50 9.92 11.50
N LEU A 186 -38.39 9.53 12.77
CA LEU A 186 -39.41 8.66 13.36
C LEU A 186 -40.78 9.33 13.39
N ALA A 187 -40.83 10.63 13.69
CA ALA A 187 -42.11 11.32 13.72
C ALA A 187 -42.78 11.32 12.35
N GLY A 188 -42.02 11.68 11.30
CA GLY A 188 -42.57 11.65 9.95
C GLY A 188 -42.94 10.28 9.47
N LYS A 189 -42.43 9.23 10.14
CA LYS A 189 -42.88 7.86 9.93
C LYS A 189 -44.25 7.61 10.56
N THR A 190 -44.71 8.49 11.44
CA THR A 190 -45.98 8.32 12.15
C THR A 190 -47.09 9.20 11.57
N ARG B 1 33.70 -31.57 -2.87
CA ARG B 1 34.30 -31.43 -4.19
C ARG B 1 34.01 -30.05 -4.74
N ARG B 2 33.04 -29.37 -4.12
CA ARG B 2 32.52 -28.08 -4.58
C ARG B 2 32.95 -26.96 -3.64
N CYS B 3 33.45 -25.87 -4.20
CA CYS B 3 33.74 -24.67 -3.43
C CYS B 3 32.47 -24.14 -2.75
N GLN B 4 32.58 -23.84 -1.46
CA GLN B 4 31.39 -23.47 -0.70
C GLN B 4 30.93 -22.06 -0.99
N ARG B 5 31.80 -21.18 -1.49
CA ARG B 5 31.40 -19.82 -1.79
C ARG B 5 30.78 -19.68 -3.17
N CYS B 6 31.45 -20.17 -4.21
CA CYS B 6 30.94 -19.94 -5.56
C CYS B 6 30.12 -21.10 -6.10
N LEU B 7 30.07 -22.23 -5.38
CA LEU B 7 29.24 -23.40 -5.68
C LEU B 7 29.69 -24.19 -6.91
N LEU B 8 30.85 -23.89 -7.46
CA LEU B 8 31.39 -24.67 -8.57
C LEU B 8 32.37 -25.71 -8.03
N PRO B 9 32.67 -26.74 -8.83
CA PRO B 9 33.71 -27.69 -8.40
C PRO B 9 35.02 -26.96 -8.11
N GLU B 10 35.74 -27.45 -7.11
CA GLU B 10 36.96 -26.79 -6.64
C GLU B 10 37.92 -26.50 -7.78
N LYS B 11 38.00 -27.38 -8.77
CA LYS B 11 38.89 -27.15 -9.90
C LYS B 11 38.51 -25.89 -10.66
N LEU B 12 37.22 -25.54 -10.69
CA LEU B 12 36.71 -24.42 -11.48
C LEU B 12 36.39 -23.19 -10.63
N CYS B 13 36.88 -23.13 -9.39
CA CYS B 13 36.55 -22.06 -8.46
C CYS B 13 36.96 -20.71 -9.01
N LEU B 14 36.01 -19.78 -9.03
CA LEU B 14 36.23 -18.47 -9.62
C LEU B 14 36.45 -17.39 -8.58
N CYS B 15 36.58 -17.75 -7.30
CA CYS B 15 36.53 -16.75 -6.25
C CYS B 15 37.64 -15.70 -6.42
N SER B 16 38.84 -16.14 -6.83
CA SER B 16 39.95 -15.21 -7.02
C SER B 16 39.72 -14.21 -8.17
N THR B 17 38.77 -14.47 -9.05
CA THR B 17 38.50 -13.55 -10.16
C THR B 17 37.55 -12.43 -9.79
N ILE B 18 36.98 -12.40 -8.60
CA ILE B 18 35.88 -11.48 -8.34
C ILE B 18 36.44 -10.09 -8.04
N THR B 19 36.00 -9.11 -8.84
CA THR B 19 36.39 -7.72 -8.61
C THR B 19 35.13 -6.90 -8.38
N PRO B 20 34.86 -6.46 -7.16
CA PRO B 20 33.61 -5.73 -6.89
C PRO B 20 33.57 -4.40 -7.62
N ALA B 21 32.35 -3.94 -7.88
CA ALA B 21 32.11 -2.67 -8.55
C ALA B 21 31.27 -1.78 -7.64
N GLN B 22 31.09 -0.53 -8.06
CA GLN B 22 30.25 0.40 -7.33
C GLN B 22 29.15 0.94 -8.24
N ALA B 23 28.01 1.26 -7.63
CA ALA B 23 26.85 1.67 -8.41
C ALA B 23 25.99 2.56 -7.53
N LYS B 24 25.25 3.47 -8.17
CA LYS B 24 24.23 4.22 -7.45
C LYS B 24 23.01 3.35 -7.13
N SER B 25 22.74 2.35 -7.96
CA SER B 25 21.61 1.47 -7.72
C SER B 25 21.91 0.52 -6.56
N ARG B 26 20.85 -0.04 -5.99
CA ARG B 26 21.01 -1.03 -4.94
C ARG B 26 19.94 -2.10 -5.11
N PHE B 27 20.31 -3.34 -4.84
CA PHE B 27 19.42 -4.48 -5.02
C PHE B 27 19.00 -5.05 -3.68
N CYS B 28 17.78 -5.58 -3.65
CA CYS B 28 17.23 -6.29 -2.49
C CYS B 28 16.67 -7.60 -2.99
N LEU B 29 17.24 -8.70 -2.53
CA LEU B 29 16.81 -10.00 -2.99
C LEU B 29 15.76 -10.55 -2.05
N LEU B 30 14.58 -10.83 -2.58
CA LEU B 30 13.51 -11.47 -1.82
C LEU B 30 13.47 -12.94 -2.22
N MET B 31 13.83 -13.81 -1.30
CA MET B 31 14.02 -15.22 -1.61
C MET B 31 12.95 -16.06 -0.93
N PHE B 32 12.35 -16.97 -1.70
CA PHE B 32 11.39 -17.89 -1.13
C PHE B 32 12.02 -18.83 -0.12
N ASP B 33 13.34 -19.03 -0.18
CA ASP B 33 14.08 -19.81 0.82
C ASP B 33 15.57 -19.52 0.64
N THR B 34 16.36 -19.92 1.62
CA THR B 34 17.81 -19.72 1.57
C THR B 34 18.56 -20.96 2.03
N PRO B 36 19.82 -24.23 1.99
CA PRO B 36 20.88 -24.21 0.98
C PRO B 36 20.42 -23.65 -0.35
N MET B 37 21.36 -23.10 -1.10
CA MET B 37 21.08 -22.53 -2.41
C MET B 37 21.54 -23.48 -3.50
N LYS B 38 20.83 -23.48 -4.60
CA LYS B 38 21.25 -24.28 -5.74
C LYS B 38 22.33 -23.52 -6.52
N PRO B 39 23.36 -24.23 -6.99
CA PRO B 39 24.40 -23.54 -7.80
C PRO B 39 23.82 -22.75 -8.96
N SER B 40 22.77 -23.26 -9.60
CA SER B 40 22.18 -22.61 -10.77
C SER B 40 21.48 -21.29 -10.44
N ASN B 41 21.23 -21.00 -9.16
CA ASN B 41 20.62 -19.73 -8.79
C ASN B 41 21.55 -18.57 -9.14
N THR B 42 21.04 -17.59 -9.88
CA THR B 42 21.89 -16.52 -10.36
C THR B 42 21.82 -15.24 -9.52
N GLY B 43 20.78 -15.09 -8.69
CA GLY B 43 20.67 -13.91 -7.84
C GLY B 43 21.87 -13.71 -6.93
N ARG B 44 22.46 -14.81 -6.45
CA ARG B 44 23.65 -14.69 -5.60
C ARG B 44 24.81 -14.01 -6.33
N LEU B 45 24.85 -14.08 -7.67
CA LEU B 45 25.94 -13.45 -8.41
C LEU B 45 25.92 -11.93 -8.24
N ILE B 46 24.73 -11.35 -8.07
CA ILE B 46 24.64 -9.91 -7.92
C ILE B 46 25.46 -9.46 -6.71
N ALA B 47 25.34 -10.20 -5.61
CA ALA B 47 26.03 -9.81 -4.37
C ALA B 47 27.54 -9.86 -4.53
N ASP B 48 28.07 -10.72 -5.40
CA ASP B 48 29.52 -10.78 -5.60
C ASP B 48 30.06 -9.46 -6.13
N ILE B 49 29.35 -8.85 -7.08
CA ILE B 49 29.81 -7.64 -7.75
C ILE B 49 29.40 -6.41 -6.95
N LEU B 50 28.21 -6.42 -6.35
CA LEU B 50 27.70 -5.33 -5.53
C LEU B 50 27.52 -5.84 -4.11
N PRO B 51 28.56 -5.79 -3.26
CA PRO B 51 28.43 -6.38 -1.92
C PRO B 51 27.50 -5.65 -0.98
N ASP B 52 26.90 -4.52 -1.37
CA ASP B 52 25.88 -3.92 -0.52
C ASP B 52 24.48 -4.45 -0.80
N THR B 53 24.36 -5.41 -1.71
CA THR B 53 23.10 -6.10 -1.93
C THR B 53 22.59 -6.70 -0.63
N VAL B 54 21.27 -6.59 -0.41
CA VAL B 54 20.63 -7.18 0.78
C VAL B 54 19.71 -8.32 0.33
N ALA B 55 19.62 -9.36 1.15
CA ALA B 55 18.72 -10.46 0.87
C ALA B 55 17.90 -10.75 2.11
N PHE B 56 16.63 -11.09 1.90
CA PHE B 56 15.72 -11.43 2.99
C PHE B 56 14.97 -12.70 2.63
N GLN B 57 14.74 -13.53 3.64
CA GLN B 57 13.91 -14.72 3.45
C GLN B 57 12.45 -14.28 3.44
N TRP B 58 11.74 -14.58 2.36
CA TRP B 58 10.35 -14.17 2.27
C TRP B 58 9.49 -14.97 3.22
N SER B 59 8.42 -14.33 3.69
CA SER B 59 7.47 -14.98 4.57
C SER B 59 6.09 -14.43 4.28
N ARG B 60 5.10 -15.33 4.26
CA ARG B 60 3.72 -14.93 4.02
C ARG B 60 3.14 -14.21 5.24
N THR B 61 3.36 -14.77 6.43
CA THR B 61 2.72 -14.23 7.64
C THR B 61 3.50 -13.04 8.20
N GLU B 62 4.75 -13.25 8.58
CA GLU B 62 5.55 -12.23 9.27
C GLU B 62 6.74 -11.80 8.43
N PRO B 63 6.66 -10.70 7.70
CA PRO B 63 7.87 -10.12 7.10
C PRO B 63 8.79 -9.58 8.18
N SER B 64 10.10 -9.80 8.00
CA SER B 64 11.06 -9.31 8.99
C SER B 64 11.01 -7.80 9.04
N GLN B 65 11.27 -7.23 10.21
CA GLN B 65 11.17 -5.79 10.36
C GLN B 65 12.27 -5.07 9.60
N ASP B 66 13.44 -5.71 9.42
CA ASP B 66 14.50 -5.08 8.66
C ASP B 66 14.11 -4.87 7.21
N LEU B 67 13.33 -5.80 6.65
CA LEU B 67 12.82 -5.64 5.29
C LEU B 67 11.78 -4.54 5.22
N LEU B 68 10.89 -4.48 6.21
CA LEU B 68 9.93 -3.38 6.28
C LEU B 68 10.64 -2.05 6.45
N ASP B 69 11.72 -2.02 7.24
CA ASP B 69 12.45 -0.77 7.42
C ASP B 69 13.11 -0.31 6.12
N LEU B 70 13.71 -1.24 5.37
CA LEU B 70 14.36 -0.85 4.12
C LEU B 70 13.34 -0.32 3.10
N VAL B 71 12.23 -1.05 2.87
CA VAL B 71 11.33 -0.69 1.79
C VAL B 71 10.53 0.57 2.08
N GLN B 72 10.45 1.00 3.34
CA GLN B 72 9.80 2.26 3.68
C GLN B 72 10.78 3.38 3.96
N ASN B 73 12.08 3.12 3.87
CA ASN B 73 13.11 4.15 4.06
C ASN B 73 13.04 5.16 2.91
N PRO B 74 12.57 6.39 3.15
CA PRO B 74 12.37 7.33 2.03
C PRO B 74 13.66 7.79 1.36
N TYR B 75 14.83 7.40 1.86
CA TYR B 75 16.06 7.71 1.15
C TYR B 75 16.07 7.09 -0.24
N TYR B 76 15.42 5.94 -0.39
CA TYR B 76 15.39 5.19 -1.64
C TYR B 76 14.11 5.45 -2.41
N GLN B 77 14.14 5.13 -3.70
CA GLN B 77 12.94 4.96 -4.52
C GLN B 77 12.79 3.46 -4.76
N PRO B 78 12.01 2.76 -3.94
CA PRO B 78 11.90 1.31 -4.13
C PRO B 78 10.99 0.96 -5.30
N MET B 79 11.35 -0.15 -5.95
CA MET B 79 10.70 -0.65 -7.15
C MET B 79 10.65 -2.17 -7.05
N VAL B 80 9.50 -2.74 -7.39
CA VAL B 80 9.33 -4.18 -7.51
C VAL B 80 9.63 -4.59 -8.95
N VAL B 81 10.61 -5.46 -9.13
CA VAL B 81 11.03 -5.88 -10.48
C VAL B 81 10.28 -7.17 -10.83
N PHE B 82 9.32 -7.07 -11.74
CA PHE B 82 8.44 -8.16 -12.11
C PHE B 82 7.81 -7.80 -13.45
N PRO B 83 7.47 -8.78 -14.29
CA PRO B 83 6.91 -8.46 -15.61
C PRO B 83 5.61 -7.67 -15.48
N ALA B 84 5.50 -6.62 -16.29
CA ALA B 84 4.37 -5.70 -16.16
C ALA B 84 3.04 -6.36 -16.50
N SER B 85 3.06 -7.46 -17.26
CA SER B 85 1.82 -8.14 -17.61
C SER B 85 1.12 -8.80 -16.42
N TYR B 86 1.74 -8.81 -15.25
CA TYR B 86 1.10 -9.33 -14.04
C TYR B 86 0.50 -8.24 -13.18
N ALA B 87 0.79 -6.98 -13.44
CA ALA B 87 0.36 -5.92 -12.54
C ALA B 87 -1.14 -5.66 -12.65
N ASP B 88 -1.71 -5.15 -11.57
CA ASP B 88 -3.11 -4.74 -11.52
C ASP B 88 -3.35 -3.53 -12.42
N GLU B 89 -4.60 -3.39 -12.88
CA GLU B 89 -4.99 -2.24 -13.69
C GLU B 89 -4.65 -0.93 -13.00
N GLN B 90 -4.72 -0.88 -11.67
CA GLN B 90 -4.40 0.30 -10.89
C GLN B 90 -2.93 0.37 -10.49
N ARG B 91 -2.12 -0.63 -10.82
CA ARG B 91 -0.75 -0.70 -10.35
C ARG B 91 0.13 0.24 -11.18
N GLU B 92 0.89 1.09 -10.49
CA GLU B 92 1.83 1.97 -11.17
C GLU B 92 2.96 1.13 -11.77
N VAL B 93 3.10 1.21 -13.09
CA VAL B 93 4.09 0.48 -13.85
C VAL B 93 4.96 1.51 -14.55
N ILE B 94 6.28 1.39 -14.39
CA ILE B 94 7.19 2.32 -15.04
C ILE B 94 8.22 1.54 -15.86
N PHE B 95 8.85 2.24 -16.80
CA PHE B 95 9.76 1.63 -17.74
C PHE B 95 11.18 2.15 -17.58
N THR B 96 11.43 2.96 -16.57
CA THR B 96 12.68 3.64 -16.36
C THR B 96 12.85 3.84 -14.86
N PRO B 97 14.07 3.67 -14.33
CA PRO B 97 14.31 4.10 -12.96
C PRO B 97 14.18 5.61 -12.87
N PRO B 98 13.29 6.12 -12.01
CA PRO B 98 13.17 7.57 -11.88
C PRO B 98 14.49 8.19 -11.45
N ALA B 99 14.59 9.50 -11.61
CA ALA B 99 15.83 10.20 -11.30
C ALA B 99 15.69 10.91 -9.95
N GLY B 100 16.85 11.23 -9.38
CA GLY B 100 16.88 11.80 -8.05
C GLY B 100 17.33 10.78 -7.05
N LYS B 101 16.40 10.27 -6.25
CA LYS B 101 16.74 9.31 -5.20
C LYS B 101 17.31 8.03 -5.79
N PRO B 102 18.28 7.41 -5.13
CA PRO B 102 18.85 6.15 -5.63
C PRO B 102 17.78 5.07 -5.74
N PRO B 103 17.82 4.25 -6.77
CA PRO B 103 16.83 3.18 -6.89
C PRO B 103 17.16 2.03 -5.95
N LEU B 104 16.09 1.39 -5.47
CA LEU B 104 16.18 0.13 -4.73
C LEU B 104 15.34 -0.90 -5.47
N PHE B 105 16.02 -1.83 -6.16
CA PHE B 105 15.39 -2.82 -7.03
C PHE B 105 15.06 -4.07 -6.22
N ILE B 106 13.77 -4.36 -6.06
CA ILE B 106 13.33 -5.51 -5.29
C ILE B 106 13.12 -6.67 -6.25
N MET B 107 14.00 -7.66 -6.17
CA MET B 107 13.97 -8.84 -7.03
C MET B 107 13.26 -9.97 -6.30
N LEU B 108 12.30 -10.60 -6.98
CA LEU B 108 11.62 -11.76 -6.45
C LEU B 108 12.41 -12.98 -6.93
N ASP B 109 13.24 -13.53 -6.04
CA ASP B 109 14.18 -14.59 -6.39
C ASP B 109 13.60 -15.94 -5.98
N GLY B 110 13.04 -16.65 -6.95
CA GLY B 110 12.55 -17.97 -6.75
C GLY B 110 12.32 -18.60 -8.09
N THR B 111 11.61 -19.71 -8.11
CA THR B 111 11.12 -20.18 -9.40
C THR B 111 9.92 -19.33 -9.80
N TRP B 112 9.48 -19.50 -11.05
CA TRP B 112 8.35 -18.70 -11.51
C TRP B 112 7.08 -18.95 -10.71
N PRO B 113 6.73 -20.20 -10.34
CA PRO B 113 5.60 -20.34 -9.39
C PRO B 113 5.88 -19.69 -8.05
N GLU B 114 7.11 -19.78 -7.55
CA GLU B 114 7.43 -19.12 -6.28
C GLU B 114 7.41 -17.59 -6.41
N ALA B 115 7.97 -17.05 -7.51
CA ALA B 115 8.01 -15.60 -7.67
C ALA B 115 6.61 -15.00 -7.82
N ARG B 116 5.70 -15.71 -8.49
CA ARG B 116 4.35 -15.20 -8.69
C ARG B 116 3.57 -15.11 -7.39
N LYS B 117 3.64 -16.15 -6.55
CA LYS B 117 3.00 -16.08 -5.23
C LYS B 117 3.60 -14.95 -4.39
N MET B 118 4.93 -14.78 -4.43
CA MET B 118 5.52 -13.64 -3.75
C MET B 118 4.98 -12.32 -4.27
N PHE B 119 4.85 -12.19 -5.60
CA PHE B 119 4.33 -10.96 -6.17
C PHE B 119 2.91 -10.67 -5.68
N ARG B 120 2.07 -11.70 -5.61
CA ARG B 120 0.66 -11.46 -5.30
C ARG B 120 0.37 -11.36 -3.80
N LYS B 121 1.13 -12.06 -2.94
CA LYS B 121 0.79 -12.15 -1.52
C LYS B 121 1.72 -11.36 -0.61
N SER B 122 2.16 -10.17 -1.02
CA SER B 122 3.09 -9.36 -0.25
C SER B 122 2.52 -7.96 -0.07
N PRO B 123 1.69 -7.75 0.95
CA PRO B 123 1.00 -6.45 1.09
C PRO B 123 1.93 -5.26 1.20
N TYR B 124 3.11 -5.45 1.80
CA TYR B 124 4.08 -4.38 1.97
C TYR B 124 4.75 -3.95 0.68
N LEU B 125 4.56 -4.69 -0.43
CA LEU B 125 5.11 -4.31 -1.72
C LEU B 125 4.05 -3.74 -2.68
N ASP B 126 2.78 -3.65 -2.26
CA ASP B 126 1.69 -3.36 -3.19
C ASP B 126 1.62 -1.88 -3.59
N ASN B 127 2.00 -0.97 -2.71
CA ASN B 127 1.98 0.43 -3.13
C ASN B 127 3.20 0.82 -3.97
N LEU B 128 4.19 -0.07 -4.07
CA LEU B 128 5.41 0.23 -4.81
C LEU B 128 5.16 0.16 -6.31
N PRO B 129 5.84 1.00 -7.08
CA PRO B 129 5.76 0.88 -8.54
C PRO B 129 6.47 -0.39 -9.03
N VAL B 130 5.95 -0.95 -10.11
CA VAL B 130 6.56 -2.09 -10.82
C VAL B 130 7.37 -1.55 -11.98
N ILE B 131 8.63 -1.94 -12.09
CA ILE B 131 9.46 -1.51 -13.21
C ILE B 131 9.52 -2.65 -14.22
N SER B 132 9.08 -2.36 -15.44
CA SER B 132 9.22 -3.30 -16.55
C SER B 132 10.59 -3.14 -17.16
N VAL B 133 11.28 -4.26 -17.38
CA VAL B 133 12.70 -4.24 -17.71
C VAL B 133 12.87 -4.26 -19.22
N ASP B 134 13.78 -3.41 -19.71
CA ASP B 134 14.12 -3.30 -21.12
C ASP B 134 15.29 -4.24 -21.41
N LEU B 135 14.98 -5.49 -21.73
CA LEU B 135 16.04 -6.49 -21.86
C LEU B 135 16.92 -6.30 -23.10
N SER B 136 16.52 -5.47 -24.07
CA SER B 136 17.35 -5.28 -25.25
C SER B 136 18.69 -4.64 -24.93
N ARG B 137 18.82 -3.99 -23.77
CA ARG B 137 20.11 -3.41 -23.37
C ARG B 137 21.20 -4.46 -23.14
N LEU B 138 20.84 -5.75 -23.06
CA LEU B 138 21.85 -6.78 -22.93
C LEU B 138 22.79 -6.83 -24.13
N SER B 139 22.36 -6.31 -25.29
CA SER B 139 23.21 -6.35 -26.49
C SER B 139 24.48 -5.54 -26.29
N ALA B 140 24.40 -4.43 -25.58
CA ALA B 140 25.59 -3.62 -25.30
C ALA B 140 26.64 -4.38 -24.50
N TYR B 141 26.27 -5.47 -23.83
CA TYR B 141 27.19 -6.29 -23.05
C TYR B 141 27.38 -7.67 -23.66
N ARG B 142 26.95 -7.85 -24.92
CA ARG B 142 27.03 -9.11 -25.66
C ARG B 142 26.39 -10.25 -24.88
N LEU B 143 25.14 -10.05 -24.47
CA LEU B 143 24.40 -11.07 -23.75
C LEU B 143 23.06 -11.28 -24.43
N ARG B 144 22.39 -12.38 -24.06
CA ARG B 144 21.16 -12.84 -24.71
C ARG B 144 21.37 -13.05 -26.20
N GLN B 151 12.36 -16.69 -21.03
CA GLN B 151 12.53 -16.06 -19.73
C GLN B 151 14.02 -15.77 -19.45
N TYR B 152 14.27 -14.68 -18.73
CA TYR B 152 15.62 -14.26 -18.39
C TYR B 152 15.87 -14.49 -16.90
N CYS B 153 17.10 -14.85 -16.56
CA CYS B 153 17.38 -15.16 -15.16
C CYS B 153 17.65 -13.88 -14.37
N THR B 154 17.75 -14.05 -13.05
CA THR B 154 17.77 -12.91 -12.15
C THR B 154 18.95 -11.99 -12.42
N ALA B 155 20.15 -12.56 -12.59
CA ALA B 155 21.35 -11.77 -12.81
C ALA B 155 21.33 -11.05 -14.16
N GLU B 156 20.66 -11.62 -15.16
CA GLU B 156 20.57 -10.93 -16.44
C GLU B 156 19.64 -9.73 -16.35
N VAL B 157 18.52 -9.88 -15.63
CA VAL B 157 17.63 -8.74 -15.42
C VAL B 157 18.37 -7.62 -14.67
N ALA B 158 19.23 -7.99 -13.71
CA ALA B 158 19.99 -7.01 -12.94
C ALA B 158 20.97 -6.24 -13.81
N ILE B 159 21.58 -6.91 -14.78
CA ILE B 159 22.46 -6.21 -15.70
C ILE B 159 21.70 -5.12 -16.44
N ALA B 160 20.51 -5.46 -16.94
CA ALA B 160 19.74 -4.48 -17.72
C ALA B 160 19.26 -3.32 -16.85
N LEU B 161 18.87 -3.60 -15.60
CA LEU B 161 18.47 -2.52 -14.69
C LEU B 161 19.65 -1.62 -14.39
N LEU B 162 20.83 -2.19 -14.18
CA LEU B 162 22.01 -1.38 -13.91
C LEU B 162 22.30 -0.45 -15.08
N ASP B 163 22.21 -0.99 -16.31
CA ASP B 163 22.43 -0.16 -17.48
C ASP B 163 21.34 0.90 -17.64
N MET B 164 20.08 0.54 -17.35
CA MET B 164 18.99 1.51 -17.36
C MET B 164 19.24 2.67 -16.40
N ALA B 165 19.95 2.44 -15.31
CA ALA B 165 20.19 3.45 -14.29
C ALA B 165 21.46 4.26 -14.53
N GLY B 166 22.20 3.98 -15.59
CA GLY B 166 23.47 4.64 -15.80
C GLY B 166 24.67 3.99 -15.14
N ASP B 167 24.53 2.80 -14.56
CA ASP B 167 25.63 2.14 -13.84
C ASP B 167 26.33 1.15 -14.77
N THR B 168 27.01 1.71 -15.77
CA THR B 168 27.55 0.90 -16.86
C THR B 168 28.77 0.11 -16.42
N GLY B 169 29.58 0.69 -15.52
CA GLY B 169 30.70 -0.04 -14.95
C GLY B 169 30.25 -1.30 -14.24
N ALA B 170 29.25 -1.18 -13.37
CA ALA B 170 28.80 -2.36 -12.64
C ALA B 170 27.98 -3.31 -13.53
N ALA B 171 27.23 -2.77 -14.50
CA ALA B 171 26.57 -3.61 -15.49
C ALA B 171 27.58 -4.51 -16.20
N ALA B 172 28.70 -3.91 -16.65
CA ALA B 172 29.71 -4.68 -17.36
C ALA B 172 30.41 -5.67 -16.44
N GLY B 173 30.72 -5.25 -15.20
CA GLY B 173 31.29 -6.16 -14.23
C GLY B 173 30.41 -7.38 -14.00
N LEU B 174 29.11 -7.15 -13.80
CA LEU B 174 28.20 -8.26 -13.57
C LEU B 174 28.03 -9.13 -14.81
N GLY B 175 27.99 -8.55 -16.01
CA GLY B 175 27.90 -9.36 -17.21
C GLY B 175 29.07 -10.31 -17.35
N GLU B 176 30.29 -9.81 -17.13
CA GLU B 176 31.50 -10.62 -17.24
C GLU B 176 31.56 -11.69 -16.15
N HIS B 177 31.14 -11.35 -14.92
CA HIS B 177 31.04 -12.34 -13.85
C HIS B 177 29.97 -13.37 -14.16
N PHE B 178 28.84 -12.94 -14.72
CA PHE B 178 27.78 -13.86 -15.08
C PHE B 178 28.24 -14.83 -16.17
N THR B 179 28.93 -14.34 -17.17
CA THR B 179 29.40 -15.22 -18.24
C THR B 179 30.44 -16.20 -17.72
N ARG B 180 31.34 -15.71 -16.88
CA ARG B 180 32.36 -16.58 -16.30
C ARG B 180 31.73 -17.70 -15.48
N PHE B 181 30.73 -17.38 -14.65
CA PHE B 181 30.06 -18.44 -13.91
C PHE B 181 29.34 -19.41 -14.85
N LYS B 182 28.57 -18.89 -15.81
CA LYS B 182 27.84 -19.75 -16.73
C LYS B 182 28.77 -20.68 -17.51
N THR B 183 29.92 -20.17 -17.96
CA THR B 183 30.88 -21.03 -18.66
C THR B 183 31.38 -22.16 -17.75
N ARG B 184 31.83 -21.82 -16.55
CA ARG B 184 32.37 -22.85 -15.66
C ARG B 184 31.29 -23.82 -15.20
N TYR B 185 30.07 -23.31 -14.97
CA TYR B 185 28.95 -24.18 -14.67
C TYR B 185 28.74 -25.22 -15.78
N LEU B 186 28.73 -24.77 -17.03
CA LEU B 186 28.55 -25.69 -18.15
C LEU B 186 29.70 -26.70 -18.24
N ALA B 187 30.94 -26.22 -18.09
CA ALA B 187 32.10 -27.11 -18.13
C ALA B 187 32.03 -28.15 -17.01
N GLY B 188 31.55 -27.75 -15.83
CA GLY B 188 31.37 -28.69 -14.74
C GLY B 188 30.31 -29.75 -14.98
N LYS B 189 29.30 -29.43 -15.80
CA LYS B 189 28.30 -30.45 -16.15
C LYS B 189 28.92 -31.51 -17.05
N THR B 190 29.72 -31.09 -18.02
CA THR B 190 30.59 -32.02 -18.73
C THR B 190 31.74 -32.44 -17.80
N GLN B 191 32.39 -33.54 -18.13
CA GLN B 191 33.56 -34.03 -17.38
C GLN B 191 33.34 -34.06 -15.87
#